data_2RH1
#
_entry.id   2RH1
#
_cell.length_a   106.318
_cell.length_b   169.240
_cell.length_c   40.154
_cell.angle_alpha   90.00
_cell.angle_beta   105.62
_cell.angle_gamma   90.00
#
_symmetry.space_group_name_H-M   'C 1 2 1'
#
loop_
_entity.id
_entity.type
_entity.pdbx_description
1 polymer 'beta-2-adrenergic receptor/T4-lysozyme chimera'
2 branched alpha-D-glucopyranose-(1-4)-alpha-D-glucopyranose
3 non-polymer 'SULFATE ION'
4 non-polymer (2S)-1-(9H-Carbazol-4-yloxy)-3-(isopropylamino)propan-2-ol
5 non-polymer 1,4-BUTANEDIOL
6 non-polymer ACETAMIDE
7 non-polymer CHOLESTEROL
8 non-polymer 'PALMITIC ACID'
9 non-polymer 'DODECAETHYLENE GLYCOL'
10 water water
#
_entity_poly.entity_id   1
_entity_poly.type   'polypeptide(L)'
_entity_poly.pdbx_seq_one_letter_code
;DYKDDDAMGQPGNGSAFLLAPNRSHAPDHDVTQQRDEVWVVGMGIVMSLIVLAIVFGNVLVITAIAKFERLQTVTNYFIT
SLACADLVMGLAVVPFGAAHILMKMWTFGNFWCEFWTSIDVLCVTASIETLCVIAVDRYFAITSPFKYQSLLTKNKARVI
ILMVWIVSGLTSFLPIQMHWYRATHQEAINCYAEETCCDFFTNQAYAIASSIVSFYVPLVIMVFVYSRVFQEAKRQLNIF
EMLRIDEGLRLKIYKDTEGYYTIGIGHLLTKSPSLNAAKSELDKAIGRNTNGVITKDEAEKLFNQDVDAAVRGILRNAKL
KPVYDSLDAVRRAALINMVFQMGETGVAGFTNSLRMLQQKRWDEAAVNLAKSRWYNQTPNRAKRVITTFRTGTWDAYKFC
LKEHKALKTLGIIMGTFTLCWLPFFIVNIVHVIQDNLIRKEVYILLNWIGYVNSGFNPLIYCRSPDFRIAFQELLCLRRS
SLKAYGNGYSSNGNTGEQSG
;
_entity_poly.pdbx_strand_id   A
#
loop_
_chem_comp.id
_chem_comp.type
_chem_comp.name
_chem_comp.formula
12P non-polymer 'DODECAETHYLENE GLYCOL' 'C24 H50 O13'
ACM non-polymer ACETAMIDE 'C2 H5 N O'
BU1 non-polymer 1,4-BUTANEDIOL 'C4 H10 O2'
CAU non-polymer (2S)-1-(9H-Carbazol-4-yloxy)-3-(isopropylamino)propan-2-ol 'C18 H22 N2 O2'
CLR non-polymer CHOLESTEROL 'C27 H46 O'
GLC D-saccharide, alpha linking alpha-D-glucopyranose 'C6 H12 O6'
PLM non-polymer 'PALMITIC ACID' 'C16 H32 O2'
SO4 non-polymer 'SULFATE ION' 'O4 S -2'
#
# COMPACT_ATOMS: atom_id res chain seq x y z
N ASP A 36 26.07 -35.00 -1.30
CA ASP A 36 25.53 -35.20 -2.67
C ASP A 36 24.03 -35.52 -2.63
N GLU A 37 23.69 -36.64 -2.02
CA GLU A 37 22.30 -37.13 -1.89
C GLU A 37 21.59 -36.60 -0.64
N VAL A 38 22.32 -36.50 0.48
CA VAL A 38 21.78 -35.91 1.74
C VAL A 38 21.37 -34.44 1.54
N TRP A 39 22.05 -33.77 0.61
CA TRP A 39 21.69 -32.43 0.15
C TRP A 39 20.25 -32.37 -0.39
N VAL A 40 19.82 -33.45 -1.08
CA VAL A 40 18.48 -33.55 -1.68
C VAL A 40 17.38 -33.49 -0.63
N VAL A 41 17.52 -34.33 0.40
CA VAL A 41 16.58 -34.35 1.54
C VAL A 41 16.48 -32.94 2.12
N GLY A 42 17.63 -32.37 2.48
CA GLY A 42 17.73 -30.98 3.01
C GLY A 42 17.18 -29.89 2.10
N MET A 43 17.32 -30.08 0.79
CA MET A 43 16.76 -29.16 -0.20
C MET A 43 15.26 -29.44 -0.36
N GLY A 44 14.88 -30.72 -0.20
CA GLY A 44 13.48 -31.13 -0.23
C GLY A 44 12.69 -30.54 0.91
N ILE A 45 13.20 -30.69 2.13
CA ILE A 45 12.56 -30.11 3.34
C ILE A 45 12.38 -28.60 3.19
N VAL A 46 13.37 -27.93 2.61
CA VAL A 46 13.32 -26.48 2.38
C VAL A 46 12.21 -26.12 1.40
N MET A 47 12.19 -26.79 0.25
CA MET A 47 11.11 -26.58 -0.74
C MET A 47 9.72 -26.97 -0.18
N SER A 48 9.67 -27.98 0.69
CA SER A 48 8.43 -28.38 1.35
C SER A 48 7.91 -27.29 2.27
N LEU A 49 8.81 -26.65 3.01
CA LEU A 49 8.45 -25.51 3.87
C LEU A 49 8.02 -24.31 3.03
N ILE A 50 8.61 -24.13 1.84
CA ILE A 50 8.20 -23.07 0.91
C ILE A 50 6.75 -23.28 0.49
N VAL A 51 6.41 -24.51 0.13
CA VAL A 51 5.03 -24.87 -0.25
C VAL A 51 4.07 -24.65 0.92
N LEU A 52 4.44 -25.13 2.11
CA LEU A 52 3.62 -24.95 3.32
C LEU A 52 3.40 -23.47 3.63
N ALA A 53 4.46 -22.67 3.49
CA ALA A 53 4.42 -21.22 3.71
C ALA A 53 3.44 -20.52 2.79
N ILE A 54 3.52 -20.84 1.50
CA ILE A 54 2.62 -20.26 0.49
C ILE A 54 1.16 -20.64 0.74
N VAL A 55 0.91 -21.93 0.95
CA VAL A 55 -0.44 -22.44 1.15
C VAL A 55 -1.05 -21.93 2.48
N PHE A 56 -0.27 -22.00 3.58
CA PHE A 56 -0.75 -21.55 4.89
C PHE A 56 -1.18 -20.10 4.88
N GLY A 57 -0.23 -19.23 4.51
CA GLY A 57 -0.44 -17.79 4.52
C GLY A 57 -1.56 -17.29 3.64
N ASN A 58 -1.66 -17.84 2.42
CA ASN A 58 -2.73 -17.46 1.47
C ASN A 58 -4.09 -18.05 1.87
N VAL A 59 -4.11 -19.27 2.42
CA VAL A 59 -5.31 -19.79 3.03
C VAL A 59 -5.78 -18.82 4.10
N LEU A 60 -4.83 -18.35 4.93
CA LEU A 60 -5.14 -17.43 6.04
C LEU A 60 -5.73 -16.08 5.55
N VAL A 61 -5.22 -15.57 4.43
CA VAL A 61 -5.73 -14.33 3.83
C VAL A 61 -7.16 -14.49 3.29
N ILE A 62 -7.41 -15.61 2.60
CA ILE A 62 -8.72 -15.89 2.01
C ILE A 62 -9.78 -16.03 3.10
N THR A 63 -9.46 -16.84 4.11
CA THR A 63 -10.30 -17.06 5.27
C THR A 63 -10.67 -15.76 5.98
N ALA A 64 -9.66 -14.90 6.21
CA ALA A 64 -9.84 -13.62 6.93
C ALA A 64 -10.76 -12.62 6.20
N ILE A 65 -10.63 -12.52 4.89
CA ILE A 65 -11.49 -11.65 4.09
C ILE A 65 -12.90 -12.27 3.96
N ALA A 66 -12.96 -13.59 3.77
CA ALA A 66 -14.24 -14.30 3.66
C ALA A 66 -15.03 -14.32 4.96
N LYS A 67 -14.32 -14.33 6.10
CA LYS A 67 -14.94 -14.42 7.43
C LYS A 67 -15.33 -13.08 8.05
N PHE A 68 -14.43 -12.10 7.96
CA PHE A 68 -14.61 -10.81 8.63
C PHE A 68 -15.18 -9.73 7.70
N GLU A 69 -16.45 -9.40 7.96
CA GLU A 69 -17.25 -8.37 7.25
C GLU A 69 -16.51 -7.02 7.12
N ARG A 70 -15.77 -6.67 8.17
CA ARG A 70 -14.88 -5.49 8.20
C ARG A 70 -13.88 -5.47 7.04
N LEU A 71 -13.34 -6.65 6.71
CA LEU A 71 -12.36 -6.78 5.64
C LEU A 71 -13.00 -6.98 4.26
N GLN A 72 -14.34 -7.01 4.15
CA GLN A 72 -15.03 -7.24 2.85
C GLN A 72 -15.20 -5.95 2.05
N THR A 73 -14.10 -5.48 1.48
CA THR A 73 -14.02 -4.27 0.67
C THR A 73 -13.64 -4.65 -0.74
N VAL A 74 -13.80 -3.75 -1.70
CA VAL A 74 -13.47 -4.04 -3.11
C VAL A 74 -11.99 -4.42 -3.26
N THR A 75 -11.10 -3.61 -2.68
CA THR A 75 -9.66 -3.91 -2.68
C THR A 75 -9.43 -5.35 -2.23
N ASN A 76 -10.00 -5.72 -1.09
CA ASN A 76 -9.83 -7.08 -0.55
C ASN A 76 -10.40 -8.21 -1.43
N TYR A 77 -11.30 -7.89 -2.35
CA TYR A 77 -11.80 -8.90 -3.32
C TYR A 77 -10.69 -9.17 -4.32
N PHE A 78 -9.99 -8.13 -4.77
CA PHE A 78 -8.83 -8.29 -5.66
C PHE A 78 -7.67 -8.98 -4.94
N ILE A 79 -7.49 -8.65 -3.66
CA ILE A 79 -6.51 -9.34 -2.84
C ILE A 79 -6.82 -10.82 -2.78
N THR A 80 -8.10 -11.15 -2.61
CA THR A 80 -8.53 -12.56 -2.59
C THR A 80 -8.19 -13.22 -3.91
N SER A 81 -8.46 -12.53 -5.02
CA SER A 81 -8.11 -13.03 -6.34
C SER A 81 -6.58 -13.27 -6.46
N LEU A 82 -5.80 -12.33 -5.92
CA LEU A 82 -4.35 -12.44 -5.85
C LEU A 82 -3.92 -13.63 -4.98
N ALA A 83 -4.53 -13.76 -3.80
CA ALA A 83 -4.31 -14.90 -2.90
C ALA A 83 -4.66 -16.28 -3.51
N CYS A 84 -5.66 -16.34 -4.41
CA CYS A 84 -6.02 -17.61 -5.09
C CYS A 84 -4.98 -18.02 -6.12
N ALA A 85 -4.44 -17.05 -6.85
CA ALA A 85 -3.37 -17.29 -7.82
C ALA A 85 -2.11 -17.80 -7.12
N ASP A 86 -1.80 -17.25 -5.97
CA ASP A 86 -0.67 -17.72 -5.16
C ASP A 86 -0.98 -19.06 -4.52
N LEU A 87 -2.21 -19.26 -4.08
CA LEU A 87 -2.59 -20.57 -3.51
C LEU A 87 -2.44 -21.68 -4.54
N VAL A 88 -2.90 -21.43 -5.77
CA VAL A 88 -2.75 -22.40 -6.87
C VAL A 88 -1.26 -22.64 -7.23
N MET A 89 -0.44 -21.59 -7.18
CA MET A 89 1.03 -21.73 -7.32
C MET A 89 1.58 -22.70 -6.27
N GLY A 90 1.18 -22.49 -5.02
CA GLY A 90 1.63 -23.34 -3.91
C GLY A 90 1.19 -24.80 -3.94
N LEU A 91 0.02 -25.07 -4.53
CA LEU A 91 -0.53 -26.43 -4.62
C LEU A 91 -0.28 -27.14 -5.95
N ALA A 92 -0.42 -26.41 -7.04
CA ALA A 92 -0.38 -26.99 -8.38
C ALA A 92 0.93 -26.79 -9.09
N VAL A 93 1.63 -25.67 -8.82
CA VAL A 93 2.88 -25.33 -9.54
C VAL A 93 4.13 -25.68 -8.75
N VAL A 94 4.35 -25.04 -7.62
CA VAL A 94 5.62 -25.22 -6.85
C VAL A 94 5.97 -26.67 -6.43
N PRO A 95 4.97 -27.50 -6.01
CA PRO A 95 5.32 -28.87 -5.62
C PRO A 95 5.94 -29.72 -6.72
N PHE A 96 5.42 -29.60 -7.94
CA PHE A 96 5.96 -30.35 -9.08
C PHE A 96 7.24 -29.77 -9.64
N GLY A 97 7.36 -28.45 -9.63
CA GLY A 97 8.62 -27.79 -10.00
C GLY A 97 9.74 -28.28 -9.10
N ALA A 98 9.48 -28.32 -7.78
CA ALA A 98 10.42 -28.84 -6.77
C ALA A 98 10.86 -30.27 -7.08
N ALA A 99 9.87 -31.15 -7.26
CA ALA A 99 10.09 -32.57 -7.57
C ALA A 99 10.89 -32.75 -8.84
N HIS A 100 10.56 -31.97 -9.86
CA HIS A 100 11.27 -31.96 -11.15
C HIS A 100 12.77 -31.69 -10.98
N ILE A 101 13.10 -30.75 -10.09
CA ILE A 101 14.50 -30.40 -9.81
C ILE A 101 15.21 -31.46 -8.97
N LEU A 102 14.55 -31.94 -7.91
CA LEU A 102 15.15 -32.93 -7.00
C LEU A 102 15.33 -34.31 -7.64
N MET A 103 14.39 -34.70 -8.50
CA MET A 103 14.48 -35.97 -9.23
C MET A 103 15.32 -35.85 -10.50
N LYS A 104 15.56 -34.62 -10.96
CA LYS A 104 16.35 -34.31 -12.18
C LYS A 104 15.70 -34.87 -13.45
N MET A 105 14.37 -34.97 -13.45
CA MET A 105 13.59 -35.49 -14.56
C MET A 105 12.13 -35.35 -14.21
N TRP A 106 11.28 -35.35 -15.24
CA TRP A 106 9.82 -35.25 -15.08
C TRP A 106 9.26 -36.67 -14.95
N THR A 107 8.43 -36.92 -13.93
CA THR A 107 7.79 -38.26 -13.73
C THR A 107 6.27 -38.27 -13.85
N PHE A 108 5.65 -37.11 -14.10
CA PHE A 108 4.20 -36.96 -14.10
C PHE A 108 3.58 -37.08 -15.51
N GLY A 109 4.43 -37.27 -16.54
CA GLY A 109 3.99 -37.49 -17.91
C GLY A 109 3.70 -36.23 -18.69
N ASN A 110 3.61 -36.36 -20.00
CA ASN A 110 3.40 -35.19 -20.90
C ASN A 110 2.11 -34.42 -20.71
N PHE A 111 0.99 -35.11 -20.47
CA PHE A 111 -0.27 -34.40 -20.27
C PHE A 111 -0.15 -33.38 -19.16
N TRP A 112 0.25 -33.87 -17.99
CA TRP A 112 0.38 -33.00 -16.84
C TRP A 112 1.52 -31.95 -17.01
N CYS A 113 2.60 -32.28 -17.74
CA CYS A 113 3.67 -31.29 -18.00
C CYS A 113 3.12 -30.05 -18.68
N GLU A 114 2.32 -30.28 -19.73
CA GLU A 114 1.67 -29.21 -20.47
C GLU A 114 0.61 -28.48 -19.63
N PHE A 115 -0.15 -29.25 -18.82
CA PHE A 115 -1.16 -28.66 -17.94
C PHE A 115 -0.47 -27.82 -16.87
N TRP A 116 0.49 -28.45 -16.18
CA TRP A 116 1.31 -27.80 -15.15
C TRP A 116 1.88 -26.51 -15.69
N THR A 117 2.53 -26.57 -16.85
CA THR A 117 3.06 -25.39 -17.52
C THR A 117 2.03 -24.29 -17.72
N SER A 118 0.83 -24.66 -18.15
CA SER A 118 -0.28 -23.68 -18.37
C SER A 118 -0.71 -22.96 -17.09
N ILE A 119 -0.80 -23.70 -15.97
CA ILE A 119 -1.21 -23.15 -14.67
C ILE A 119 -0.16 -22.16 -14.16
N ASP A 120 1.10 -22.55 -14.32
CA ASP A 120 2.25 -21.72 -13.99
C ASP A 120 2.07 -20.34 -14.62
N VAL A 121 2.03 -20.30 -15.96
CA VAL A 121 1.87 -19.07 -16.73
C VAL A 121 0.56 -18.31 -16.39
N LEU A 122 -0.54 -19.04 -16.17
CA LEU A 122 -1.84 -18.44 -15.79
C LEU A 122 -1.76 -17.66 -14.49
N CYS A 123 -1.27 -18.34 -13.45
CA CYS A 123 -1.18 -17.76 -12.11
C CYS A 123 -0.31 -16.52 -12.07
N VAL A 124 0.84 -16.55 -12.75
CA VAL A 124 1.71 -15.36 -12.83
C VAL A 124 1.01 -14.23 -13.61
N THR A 125 0.32 -14.56 -14.71
CA THR A 125 -0.39 -13.57 -15.53
C THR A 125 -1.54 -12.94 -14.76
N ALA A 126 -2.38 -13.77 -14.14
CA ALA A 126 -3.50 -13.29 -13.30
C ALA A 126 -3.03 -12.41 -12.15
N SER A 127 -1.90 -12.76 -11.54
CA SER A 127 -1.34 -11.97 -10.43
C SER A 127 -1.06 -10.54 -10.85
N ILE A 128 -0.27 -10.37 -11.90
CA ILE A 128 0.10 -9.00 -12.37
C ILE A 128 -1.09 -8.26 -12.97
N GLU A 129 -2.01 -8.97 -13.61
CA GLU A 129 -3.22 -8.33 -14.14
C GLU A 129 -4.07 -7.80 -12.99
N THR A 130 -4.18 -8.57 -11.91
CA THR A 130 -4.93 -8.15 -10.71
C THR A 130 -4.27 -6.96 -10.05
N LEU A 131 -2.96 -7.04 -9.81
CA LEU A 131 -2.22 -5.94 -9.26
C LEU A 131 -2.46 -4.71 -10.07
N CYS A 132 -2.45 -4.84 -11.38
CA CYS A 132 -2.69 -3.70 -12.26
C CYS A 132 -4.11 -3.15 -12.10
N VAL A 133 -5.09 -4.03 -11.86
CA VAL A 133 -6.50 -3.63 -11.61
C VAL A 133 -6.60 -2.89 -10.27
N ILE A 134 -5.80 -3.32 -9.28
CA ILE A 134 -5.78 -2.65 -7.96
C ILE A 134 -5.29 -1.24 -8.11
N ALA A 135 -4.25 -1.05 -8.91
CA ALA A 135 -3.69 0.28 -9.17
C ALA A 135 -4.67 1.22 -9.83
N VAL A 136 -5.37 0.73 -10.86
CA VAL A 136 -6.35 1.56 -11.58
C VAL A 136 -7.53 1.88 -10.64
N ASP A 137 -7.99 0.87 -9.89
CA ASP A 137 -9.06 1.03 -8.90
C ASP A 137 -8.68 2.03 -7.82
N ARG A 138 -7.47 1.92 -7.27
CA ARG A 138 -7.00 2.91 -6.27
C ARG A 138 -6.84 4.31 -6.88
N TYR A 139 -6.46 4.40 -8.16
CA TYR A 139 -6.35 5.72 -8.79
C TYR A 139 -7.72 6.39 -8.84
N PHE A 140 -8.73 5.69 -9.30
CA PHE A 140 -10.08 6.30 -9.35
C PHE A 140 -10.64 6.54 -7.94
N ALA A 141 -10.39 5.62 -7.01
CA ALA A 141 -10.81 5.81 -5.63
C ALA A 141 -10.25 7.10 -5.05
N ILE A 142 -8.94 7.31 -5.19
CA ILE A 142 -8.28 8.49 -4.58
C ILE A 142 -8.53 9.82 -5.29
N THR A 143 -8.98 9.78 -6.54
CA THR A 143 -9.31 11.01 -7.29
C THR A 143 -10.80 11.32 -7.28
N SER A 144 -11.61 10.43 -6.69
CA SER A 144 -13.07 10.58 -6.70
C SER A 144 -13.47 11.56 -5.65
N PRO A 145 -14.55 12.36 -5.88
CA PRO A 145 -15.03 13.26 -4.81
C PRO A 145 -15.58 12.49 -3.58
N PHE A 146 -15.96 11.22 -3.79
CA PHE A 146 -16.36 10.29 -2.73
C PHE A 146 -15.06 9.50 -2.53
N LYS A 147 -14.03 10.22 -2.05
CA LYS A 147 -12.63 9.71 -2.00
C LYS A 147 -12.49 8.37 -1.30
N TYR A 148 -11.63 7.54 -1.87
CA TYR A 148 -11.29 6.18 -1.42
C TYR A 148 -12.35 5.08 -1.65
N GLN A 149 -13.61 5.44 -1.79
CA GLN A 149 -14.58 4.45 -2.16
C GLN A 149 -14.22 4.14 -3.59
N SER A 150 -14.13 2.84 -3.89
CA SER A 150 -13.97 2.40 -5.24
C SER A 150 -15.21 2.82 -6.01
N LEU A 151 -15.03 3.16 -7.28
CA LEU A 151 -16.17 3.47 -8.16
C LEU A 151 -17.01 2.20 -8.47
N LEU A 152 -16.45 1.01 -8.16
CA LEU A 152 -17.07 -0.27 -8.37
C LEU A 152 -17.85 -0.79 -7.17
N THR A 153 -18.99 -1.43 -7.45
CA THR A 153 -19.73 -2.17 -6.44
C THR A 153 -19.04 -3.53 -6.25
N LYS A 154 -19.45 -4.26 -5.22
CA LYS A 154 -18.91 -5.61 -4.94
C LYS A 154 -19.15 -6.55 -6.14
N ASN A 155 -20.35 -6.46 -6.74
CA ASN A 155 -20.72 -7.30 -7.89
C ASN A 155 -19.95 -6.98 -9.17
N LYS A 156 -19.78 -5.70 -9.49
CA LYS A 156 -18.94 -5.29 -10.62
C LYS A 156 -17.50 -5.77 -10.41
N ALA A 157 -17.00 -5.68 -9.17
CA ALA A 157 -15.66 -6.16 -8.83
C ALA A 157 -15.50 -7.67 -9.11
N ARG A 158 -16.52 -8.47 -8.79
CA ARG A 158 -16.49 -9.92 -9.12
C ARG A 158 -16.40 -10.17 -10.62
N VAL A 159 -17.09 -9.34 -11.41
CA VAL A 159 -17.07 -9.44 -12.87
C VAL A 159 -15.69 -9.07 -13.42
N ILE A 160 -15.07 -8.03 -12.86
CA ILE A 160 -13.71 -7.63 -13.27
C ILE A 160 -12.72 -8.74 -12.97
N ILE A 161 -12.85 -9.32 -11.76
CA ILE A 161 -12.02 -10.46 -11.35
C ILE A 161 -12.23 -11.63 -12.29
N LEU A 162 -13.47 -12.05 -12.47
CA LEU A 162 -13.77 -13.16 -13.39
C LEU A 162 -13.16 -12.88 -14.78
N MET A 163 -13.30 -11.65 -15.27
CA MET A 163 -12.73 -11.27 -16.56
C MET A 163 -11.22 -11.30 -16.58
N VAL A 164 -10.58 -11.03 -15.43
CA VAL A 164 -9.12 -11.14 -15.31
C VAL A 164 -8.69 -12.61 -15.47
N TRP A 165 -9.37 -13.52 -14.78
CA TRP A 165 -9.08 -14.97 -14.91
C TRP A 165 -9.35 -15.52 -16.32
N ILE A 166 -10.43 -15.04 -16.95
CA ILE A 166 -10.73 -15.44 -18.35
C ILE A 166 -9.64 -14.94 -19.30
N VAL A 167 -9.28 -13.66 -19.21
CA VAL A 167 -8.24 -13.07 -20.08
C VAL A 167 -6.88 -13.74 -19.86
N SER A 168 -6.51 -13.92 -18.59
CA SER A 168 -5.28 -14.63 -18.24
C SER A 168 -5.26 -16.07 -18.78
N GLY A 169 -6.42 -16.74 -18.74
CA GLY A 169 -6.58 -18.10 -19.28
C GLY A 169 -6.45 -18.09 -20.79
N LEU A 170 -7.09 -17.10 -21.41
CA LEU A 170 -7.07 -16.92 -22.86
C LEU A 170 -5.65 -16.62 -23.35
N THR A 171 -4.86 -15.92 -22.54
CA THR A 171 -3.46 -15.60 -22.91
C THR A 171 -2.42 -16.66 -22.42
N SER A 172 -2.81 -17.54 -21.50
CA SER A 172 -1.91 -18.58 -20.96
C SER A 172 -2.21 -19.97 -21.52
N PHE A 173 -3.46 -20.43 -21.34
CA PHE A 173 -3.85 -21.79 -21.78
C PHE A 173 -3.93 -21.94 -23.29
N LEU A 174 -4.50 -20.96 -24.00
CA LEU A 174 -4.61 -21.08 -25.48
C LEU A 174 -3.27 -21.38 -26.16
N PRO A 175 -2.24 -20.48 -26.03
CA PRO A 175 -0.94 -20.75 -26.69
C PRO A 175 -0.27 -22.06 -26.32
N ILE A 176 -0.34 -22.42 -25.03
CA ILE A 176 0.28 -23.65 -24.54
C ILE A 176 -0.49 -24.91 -25.00
N GLN A 177 -1.82 -24.87 -24.90
CA GLN A 177 -2.67 -26.00 -25.34
C GLN A 177 -2.78 -26.07 -26.87
N MET A 178 -2.68 -24.93 -27.57
CA MET A 178 -2.66 -24.90 -29.06
C MET A 178 -1.25 -25.14 -29.64
N HIS A 179 -0.24 -25.22 -28.78
CA HIS A 179 1.16 -25.52 -29.17
C HIS A 179 1.83 -24.35 -29.96
N TRP A 180 1.37 -23.11 -29.73
CA TRP A 180 1.97 -21.93 -30.35
C TRP A 180 3.32 -21.54 -29.76
N TYR A 181 3.55 -21.95 -28.53
CA TYR A 181 4.80 -21.66 -27.84
C TYR A 181 6.01 -22.43 -28.32
N ARG A 182 5.82 -23.57 -28.98
CA ARG A 182 6.90 -24.53 -29.21
C ARG A 182 7.92 -24.12 -30.26
N ALA A 183 9.16 -24.54 -30.00
CA ALA A 183 10.27 -24.30 -30.90
C ALA A 183 10.31 -25.41 -31.92
N THR A 184 10.99 -25.16 -33.03
CA THR A 184 11.07 -26.10 -34.16
C THR A 184 12.45 -26.80 -34.32
N HIS A 185 13.34 -26.63 -33.34
CA HIS A 185 14.68 -27.27 -33.40
C HIS A 185 14.60 -28.65 -32.73
N GLN A 186 15.52 -29.53 -33.11
CA GLN A 186 15.48 -30.96 -32.72
C GLN A 186 15.55 -31.24 -31.20
N GLU A 187 16.44 -30.54 -30.50
CA GLU A 187 16.59 -30.67 -29.03
C GLU A 187 15.25 -30.45 -28.28
N ALA A 188 14.46 -29.50 -28.77
CA ALA A 188 13.14 -29.20 -28.24
C ALA A 188 12.18 -30.32 -28.61
N ILE A 189 12.13 -30.64 -29.91
CA ILE A 189 11.29 -31.73 -30.46
C ILE A 189 11.46 -33.04 -29.67
N ASN A 190 12.72 -33.37 -29.36
CA ASN A 190 13.04 -34.53 -28.52
C ASN A 190 12.42 -34.40 -27.14
N CYS A 191 12.56 -33.22 -26.52
CA CYS A 191 11.98 -32.96 -25.20
C CYS A 191 10.46 -33.02 -25.18
N TYR A 192 9.82 -32.55 -26.26
CA TYR A 192 8.36 -32.58 -26.36
C TYR A 192 7.83 -34.00 -26.40
N ALA A 193 8.40 -34.79 -27.29
CA ALA A 193 8.07 -36.21 -27.42
C ALA A 193 8.43 -37.01 -26.15
N GLU A 194 9.55 -36.65 -25.52
CA GLU A 194 10.02 -37.32 -24.30
C GLU A 194 9.09 -37.05 -23.09
N GLU A 195 8.51 -38.13 -22.59
CA GLU A 195 7.58 -38.09 -21.44
C GLU A 195 8.22 -37.65 -20.13
N THR A 196 9.53 -37.91 -19.98
CA THR A 196 10.27 -37.53 -18.78
C THR A 196 11.00 -36.19 -18.91
N CYS A 197 10.79 -35.49 -20.02
CA CYS A 197 11.39 -34.19 -20.24
C CYS A 197 10.28 -33.16 -20.19
N CYS A 198 10.44 -32.16 -19.34
CA CYS A 198 9.48 -31.07 -19.22
C CYS A 198 10.22 -29.74 -19.12
N ASP A 199 10.91 -29.40 -20.21
CA ASP A 199 11.63 -28.12 -20.34
C ASP A 199 10.79 -27.23 -21.21
N PHE A 200 10.65 -25.96 -20.79
CA PHE A 200 9.81 -25.02 -21.51
C PHE A 200 10.58 -24.31 -22.65
N PHE A 201 10.93 -25.08 -23.67
CA PHE A 201 11.56 -24.56 -24.88
C PHE A 201 10.48 -23.84 -25.65
N THR A 202 10.73 -22.58 -26.00
CA THR A 202 9.77 -21.80 -26.77
C THR A 202 10.40 -21.18 -28.01
N ASN A 203 9.56 -20.83 -28.98
CA ASN A 203 10.01 -20.06 -30.14
C ASN A 203 10.14 -18.62 -29.69
N GLN A 204 10.96 -17.85 -30.40
CA GLN A 204 11.28 -16.46 -30.00
C GLN A 204 10.06 -15.54 -30.05
N ALA A 205 9.26 -15.65 -31.11
CA ALA A 205 8.03 -14.86 -31.28
C ALA A 205 7.10 -15.00 -30.07
N TYR A 206 6.96 -16.22 -29.56
CA TYR A 206 6.18 -16.48 -28.37
C TYR A 206 6.86 -15.87 -27.16
N ALA A 207 8.17 -16.13 -27.03
CA ALA A 207 8.97 -15.60 -25.93
C ALA A 207 8.79 -14.09 -25.78
N ILE A 208 8.87 -13.37 -26.90
CA ILE A 208 8.65 -11.90 -26.90
C ILE A 208 7.20 -11.51 -26.65
N ALA A 209 6.30 -12.00 -27.52
CA ALA A 209 4.87 -11.64 -27.47
C ALA A 209 4.18 -12.00 -26.17
N SER A 210 4.40 -13.22 -25.69
CA SER A 210 3.77 -13.66 -24.44
C SER A 210 4.26 -12.89 -23.23
N SER A 211 5.57 -12.63 -23.16
CA SER A 211 6.14 -11.91 -22.02
C SER A 211 5.75 -10.42 -22.04
N ILE A 212 5.60 -9.82 -23.21
CA ILE A 212 5.14 -8.42 -23.30
C ILE A 212 3.68 -8.31 -22.88
N VAL A 213 2.83 -9.13 -23.48
CA VAL A 213 1.37 -9.11 -23.21
C VAL A 213 0.99 -9.58 -21.80
N SER A 214 1.63 -10.63 -21.31
CA SER A 214 1.30 -11.17 -19.98
C SER A 214 1.92 -10.39 -18.83
N PHE A 215 3.14 -9.87 -19.02
CA PHE A 215 3.90 -9.23 -17.94
C PHE A 215 4.19 -7.75 -18.16
N TYR A 216 4.94 -7.42 -19.19
CA TYR A 216 5.38 -6.02 -19.37
C TYR A 216 4.28 -4.98 -19.56
N VAL A 217 3.21 -5.34 -20.26
CA VAL A 217 2.09 -4.41 -20.45
C VAL A 217 1.43 -4.05 -19.10
N PRO A 218 0.87 -5.04 -18.36
CA PRO A 218 0.28 -4.68 -17.08
C PRO A 218 1.27 -4.13 -16.02
N LEU A 219 2.57 -4.47 -16.12
CA LEU A 219 3.60 -3.94 -15.21
C LEU A 219 3.81 -2.45 -15.43
N VAL A 220 4.00 -2.05 -16.67
CA VAL A 220 4.23 -0.64 -17.01
C VAL A 220 3.04 0.24 -16.62
N ILE A 221 1.84 -0.27 -16.87
CA ILE A 221 0.61 0.41 -16.51
C ILE A 221 0.51 0.56 -14.99
N MET A 222 0.70 -0.55 -14.26
CA MET A 222 0.67 -0.58 -12.79
C MET A 222 1.58 0.45 -12.18
N VAL A 223 2.84 0.43 -12.59
CA VAL A 223 3.85 1.35 -12.09
C VAL A 223 3.48 2.81 -12.40
N PHE A 224 3.13 3.09 -13.66
CA PHE A 224 2.74 4.44 -14.03
C PHE A 224 1.55 4.92 -13.20
N VAL A 225 0.48 4.13 -13.21
CA VAL A 225 -0.75 4.51 -12.52
C VAL A 225 -0.55 4.63 -11.02
N TYR A 226 0.14 3.68 -10.40
CA TYR A 226 0.33 3.74 -8.95
C TYR A 226 1.35 4.80 -8.52
N SER A 227 2.19 5.30 -9.43
CA SER A 227 3.06 6.43 -9.06
C SER A 227 2.13 7.64 -8.96
N ARG A 228 1.14 7.73 -9.87
CA ARG A 228 0.12 8.81 -9.81
C ARG A 228 -0.79 8.76 -8.59
N VAL A 229 -0.96 7.57 -8.01
CA VAL A 229 -1.73 7.40 -6.78
C VAL A 229 -0.94 8.04 -5.64
N PHE A 230 0.36 7.77 -5.55
CA PHE A 230 1.20 8.42 -4.52
C PHE A 230 1.21 9.92 -4.65
N GLN A 231 1.42 10.43 -5.86
CA GLN A 231 1.35 11.90 -6.09
C GLN A 231 0.04 12.47 -5.58
N GLU A 232 -1.08 11.80 -5.87
CA GLU A 232 -2.39 12.25 -5.37
C GLU A 232 -2.46 12.19 -3.87
N ALA A 233 -2.09 11.05 -3.29
CA ALA A 233 -2.06 10.91 -1.85
C ALA A 233 -1.24 12.04 -1.21
N LYS A 234 -0.03 12.28 -1.72
CA LYS A 234 0.84 13.37 -1.21
C LYS A 234 0.19 14.73 -1.32
N ARG A 235 -0.54 14.94 -2.41
CA ARG A 235 -1.22 16.20 -2.70
C ARG A 235 -2.42 16.46 -1.79
N GLN A 236 -2.92 15.45 -1.09
CA GLN A 236 -4.02 15.65 -0.13
C GLN A 236 -3.53 16.22 1.19
N LEU A 237 -2.24 16.10 1.46
CA LEU A 237 -1.67 16.61 2.70
C LEU A 237 -1.87 18.10 2.74
N ASN A 238 -2.45 18.58 3.84
CA ASN A 238 -2.74 20.01 4.04
C ASN A 238 -2.91 20.27 5.52
N ILE A 239 -3.25 21.49 5.90
CA ILE A 239 -3.29 21.85 7.31
C ILE A 239 -4.26 21.00 8.12
N PHE A 240 -5.38 20.63 7.51
CA PHE A 240 -6.38 19.76 8.14
C PHE A 240 -5.82 18.41 8.50
N GLU A 241 -5.14 17.81 7.53
CA GLU A 241 -4.50 16.53 7.74
C GLU A 241 -3.37 16.65 8.75
N MET A 242 -2.60 17.73 8.66
CA MET A 242 -1.54 17.99 9.61
C MET A 242 -2.07 17.99 11.05
N LEU A 243 -3.17 18.71 11.30
CA LEU A 243 -3.71 18.84 12.66
C LEU A 243 -4.52 17.61 13.05
N ARG A 244 -5.05 16.92 12.07
CA ARG A 244 -5.73 15.65 12.30
C ARG A 244 -4.70 14.60 12.80
N ILE A 245 -3.47 14.65 12.25
CA ILE A 245 -2.38 13.78 12.66
C ILE A 245 -1.79 14.23 14.00
N ASP A 246 -1.52 15.53 14.13
CA ASP A 246 -0.91 16.08 15.36
C ASP A 246 -1.83 16.22 16.59
N GLU A 247 -3.09 16.59 16.37
CA GLU A 247 -4.08 16.80 17.49
C GLU A 247 -5.10 15.68 17.64
N GLY A 248 -5.52 15.07 16.53
CA GLY A 248 -6.47 13.98 16.57
C GLY A 248 -7.87 14.53 16.38
N LEU A 249 -8.68 13.79 15.61
CA LEU A 249 -10.05 14.18 15.35
C LEU A 249 -10.93 13.32 16.24
N ARG A 250 -11.72 13.97 17.10
CA ARG A 250 -12.68 13.28 17.98
C ARG A 250 -14.10 13.63 17.58
N LEU A 251 -14.89 12.60 17.34
CA LEU A 251 -16.27 12.74 16.86
C LEU A 251 -17.26 12.96 17.98
N LYS A 252 -16.90 12.52 19.20
CA LYS A 252 -17.72 12.71 20.40
C LYS A 252 -17.09 13.69 21.37
N ILE A 253 -17.93 14.48 22.05
CA ILE A 253 -17.52 15.41 23.09
C ILE A 253 -16.60 14.75 24.11
N TYR A 254 -15.55 15.46 24.50
CA TYR A 254 -14.61 14.98 25.50
C TYR A 254 -14.08 16.16 26.30
N LYS A 255 -13.54 15.87 27.48
CA LYS A 255 -12.92 16.87 28.33
C LYS A 255 -11.45 16.97 27.95
N ASP A 256 -10.99 18.18 27.61
CA ASP A 256 -9.57 18.41 27.31
C ASP A 256 -8.70 18.29 28.57
N THR A 257 -7.43 18.64 28.46
CA THR A 257 -6.47 18.60 29.58
C THR A 257 -6.87 19.50 30.77
N GLU A 258 -7.48 20.64 30.47
CA GLU A 258 -7.95 21.61 31.48
C GLU A 258 -9.38 21.26 32.00
N GLY A 259 -9.94 20.13 31.59
CA GLY A 259 -11.28 19.69 31.99
C GLY A 259 -12.43 20.28 31.17
N TYR A 260 -12.11 21.04 30.11
CA TYR A 260 -13.14 21.73 29.32
C TYR A 260 -13.70 20.89 28.19
N TYR A 261 -15.01 21.01 27.95
CA TYR A 261 -15.70 20.25 26.92
C TYR A 261 -15.26 20.68 25.53
N THR A 262 -14.69 19.72 24.80
CA THR A 262 -14.08 19.94 23.48
C THR A 262 -14.57 18.89 22.49
N ILE A 263 -14.47 19.20 21.19
CA ILE A 263 -14.86 18.24 20.15
C ILE A 263 -14.08 18.49 18.87
N GLY A 264 -13.90 17.45 18.05
CA GLY A 264 -13.17 17.57 16.78
C GLY A 264 -11.68 17.71 17.04
N ILE A 265 -11.04 18.59 16.27
CA ILE A 265 -9.60 18.85 16.37
C ILE A 265 -9.39 19.94 17.43
N GLY A 266 -9.51 19.54 18.69
CA GLY A 266 -9.39 20.45 19.81
C GLY A 266 -10.26 21.69 19.73
N HIS A 267 -11.50 21.57 19.23
CA HIS A 267 -12.40 22.73 19.20
C HIS A 267 -13.03 22.83 20.57
N LEU A 268 -12.83 23.98 21.24
CA LEU A 268 -13.40 24.21 22.57
C LEU A 268 -14.84 24.68 22.43
N LEU A 269 -15.74 24.04 23.16
CA LEU A 269 -17.17 24.39 23.12
C LEU A 269 -17.54 25.47 24.14
N THR A 270 -17.11 25.25 25.38
CA THR A 270 -17.39 26.16 26.49
C THR A 270 -16.47 25.81 27.64
N LYS A 271 -16.27 26.76 28.54
CA LYS A 271 -15.49 26.52 29.76
C LYS A 271 -16.38 26.03 30.93
N SER A 272 -17.70 26.02 30.71
CA SER A 272 -18.68 25.59 31.70
C SER A 272 -18.57 24.10 32.05
N PRO A 273 -18.90 23.71 33.29
CA PRO A 273 -18.91 22.30 33.70
C PRO A 273 -20.18 21.55 33.27
N SER A 274 -21.18 22.29 32.77
CA SER A 274 -22.42 21.70 32.29
C SER A 274 -22.20 21.10 30.92
N LEU A 275 -22.50 19.81 30.78
CA LEU A 275 -22.38 19.12 29.51
C LEU A 275 -23.42 19.65 28.56
N ASN A 276 -24.66 19.77 29.06
CA ASN A 276 -25.77 20.34 28.29
C ASN A 276 -25.46 21.73 27.71
N ALA A 277 -24.60 22.50 28.39
CA ALA A 277 -24.12 23.79 27.90
C ALA A 277 -23.17 23.62 26.70
N ALA A 278 -22.33 22.59 26.73
CA ALA A 278 -21.45 22.24 25.60
C ALA A 278 -22.29 21.83 24.40
N LYS A 279 -23.21 20.88 24.62
CA LYS A 279 -24.16 20.40 23.60
C LYS A 279 -24.93 21.54 22.94
N SER A 280 -25.40 22.50 23.74
CA SER A 280 -26.09 23.69 23.23
C SER A 280 -25.18 24.48 22.28
N GLU A 281 -23.94 24.73 22.71
CA GLU A 281 -22.95 25.43 21.86
C GLU A 281 -22.59 24.63 20.62
N LEU A 282 -22.51 23.31 20.75
CA LEU A 282 -22.17 22.44 19.63
C LEU A 282 -23.23 22.53 18.56
N ASP A 283 -24.49 22.33 18.98
CA ASP A 283 -25.65 22.41 18.08
C ASP A 283 -25.72 23.76 17.37
N LYS A 284 -25.50 24.82 18.13
CA LYS A 284 -25.49 26.19 17.60
C LYS A 284 -24.33 26.41 16.58
N ALA A 285 -23.21 25.71 16.81
CA ALA A 285 -22.04 25.78 15.92
C ALA A 285 -22.24 24.95 14.66
N ILE A 286 -22.67 23.70 14.85
CA ILE A 286 -22.89 22.72 13.77
C ILE A 286 -24.18 22.98 12.96
N GLY A 287 -25.26 23.32 13.66
CA GLY A 287 -26.55 23.65 13.03
C GLY A 287 -27.59 22.55 13.04
N ARG A 288 -27.57 21.72 14.07
CA ARG A 288 -28.53 20.62 14.24
C ARG A 288 -28.39 20.02 15.63
N ASN A 289 -29.33 19.16 16.01
CA ASN A 289 -29.26 18.43 17.27
C ASN A 289 -28.25 17.31 17.09
N THR A 290 -27.09 17.48 17.72
CA THR A 290 -26.01 16.52 17.59
C THR A 290 -26.04 15.47 18.69
N ASN A 291 -26.44 15.87 19.89
CA ASN A 291 -26.41 15.02 21.07
C ASN A 291 -24.95 14.61 21.42
N GLY A 292 -24.00 15.48 21.10
CA GLY A 292 -22.60 15.23 21.37
C GLY A 292 -21.80 14.58 20.27
N VAL A 293 -22.45 14.00 19.25
CA VAL A 293 -21.73 13.31 18.18
C VAL A 293 -21.80 14.08 16.84
N ILE A 294 -20.64 14.27 16.20
CA ILE A 294 -20.54 14.90 14.87
C ILE A 294 -19.77 14.03 13.88
N THR A 295 -19.98 14.27 12.58
CA THR A 295 -19.28 13.53 11.53
C THR A 295 -17.89 14.13 11.36
N LYS A 296 -17.02 13.39 10.67
CA LYS A 296 -15.66 13.82 10.35
C LYS A 296 -15.66 15.14 9.55
N ASP A 297 -16.56 15.20 8.56
CA ASP A 297 -16.72 16.35 7.67
C ASP A 297 -17.20 17.58 8.42
N GLU A 298 -18.09 17.40 9.40
CA GLU A 298 -18.46 18.50 10.30
C GLU A 298 -17.24 18.97 11.17
N ALA A 299 -16.45 18.01 11.68
CA ALA A 299 -15.19 18.40 12.42
C ALA A 299 -14.31 19.27 11.55
N GLU A 300 -14.19 18.90 10.28
CA GLU A 300 -13.44 19.70 9.30
C GLU A 300 -14.06 21.07 9.10
N LYS A 301 -15.38 21.18 9.12
CA LYS A 301 -16.03 22.51 8.98
C LYS A 301 -15.65 23.43 10.15
N LEU A 302 -15.79 22.92 11.37
CA LEU A 302 -15.37 23.67 12.57
C LEU A 302 -13.89 24.03 12.54
N PHE A 303 -13.08 23.12 12.02
CA PHE A 303 -11.65 23.33 11.95
C PHE A 303 -11.25 24.44 10.99
N ASN A 304 -11.89 24.53 9.83
CA ASN A 304 -11.61 25.62 8.90
C ASN A 304 -11.98 26.98 9.51
N GLN A 305 -13.01 27.00 10.36
CA GLN A 305 -13.39 28.22 11.07
C GLN A 305 -12.33 28.56 12.13
N ASP A 306 -11.88 27.56 12.88
CA ASP A 306 -10.85 27.77 13.88
C ASP A 306 -9.57 28.28 13.22
N VAL A 307 -9.19 27.67 12.09
CA VAL A 307 -8.04 28.13 11.31
C VAL A 307 -8.22 29.59 10.93
N ASP A 308 -9.40 29.93 10.39
CA ASP A 308 -9.71 31.32 10.05
C ASP A 308 -9.47 32.24 11.24
N ALA A 309 -10.02 31.87 12.39
CA ALA A 309 -9.85 32.62 13.65
C ALA A 309 -8.36 32.77 14.07
N ALA A 310 -7.59 31.68 13.96
CA ALA A 310 -6.18 31.66 14.35
C ALA A 310 -5.38 32.66 13.53
N VAL A 311 -5.57 32.62 12.21
CA VAL A 311 -4.92 33.55 11.26
C VAL A 311 -5.23 35.03 11.54
N ARG A 312 -6.50 35.34 11.82
CA ARG A 312 -6.89 36.73 12.17
C ARG A 312 -6.20 37.18 13.43
N GLY A 313 -6.10 36.26 14.39
CA GLY A 313 -5.43 36.50 15.63
C GLY A 313 -3.94 36.75 15.45
N ILE A 314 -3.28 35.89 14.68
CA ILE A 314 -1.87 36.05 14.29
C ILE A 314 -1.61 37.42 13.68
N LEU A 315 -2.44 37.81 12.73
CA LEU A 315 -2.34 39.10 12.04
C LEU A 315 -2.62 40.32 12.94
N ARG A 316 -3.30 40.12 14.07
CA ARG A 316 -3.50 41.18 15.07
C ARG A 316 -2.35 41.24 16.08
N ASN A 317 -1.55 40.17 16.18
CA ASN A 317 -0.47 40.10 17.12
C ASN A 317 0.78 40.70 16.52
N ALA A 318 1.24 41.82 17.09
CA ALA A 318 2.45 42.56 16.65
C ALA A 318 3.72 41.71 16.46
N LYS A 319 3.87 40.65 17.26
CA LYS A 319 5.06 39.78 17.25
C LYS A 319 4.95 38.62 16.25
N LEU A 320 3.74 38.17 15.95
CA LEU A 320 3.55 37.07 15.00
C LEU A 320 3.32 37.56 13.59
N LYS A 321 2.66 38.72 13.44
CA LYS A 321 2.33 39.23 12.11
C LYS A 321 3.51 39.28 11.14
N PRO A 322 4.66 39.91 11.53
CA PRO A 322 5.80 39.97 10.59
C PRO A 322 6.32 38.59 10.18
N VAL A 323 6.25 37.66 11.12
CA VAL A 323 6.78 36.32 10.91
C VAL A 323 5.90 35.64 9.91
N TYR A 324 4.61 35.54 10.24
CA TYR A 324 3.58 34.93 9.39
C TYR A 324 3.59 35.51 7.99
N ASP A 325 3.57 36.84 7.90
CA ASP A 325 3.66 37.57 6.62
C ASP A 325 4.81 37.10 5.72
N SER A 326 5.93 36.75 6.34
CA SER A 326 7.14 36.37 5.60
C SER A 326 7.17 34.91 5.18
N LEU A 327 6.41 34.06 5.88
CA LEU A 327 6.46 32.63 5.63
C LEU A 327 5.64 32.22 4.40
N ASP A 328 6.09 31.14 3.77
CA ASP A 328 5.35 30.48 2.70
C ASP A 328 4.17 29.75 3.30
N ALA A 329 3.24 29.32 2.44
CA ALA A 329 1.98 28.61 2.83
C ALA A 329 2.15 27.42 3.77
N VAL A 330 3.10 26.53 3.45
CA VAL A 330 3.38 25.34 4.29
C VAL A 330 3.90 25.69 5.70
N ARG A 331 4.82 26.65 5.77
CA ARG A 331 5.35 27.09 7.10
C ARG A 331 4.30 27.89 7.86
N ARG A 332 3.46 28.64 7.16
CA ARG A 332 2.31 29.27 7.82
C ARG A 332 1.41 28.20 8.52
N ALA A 333 1.17 27.06 7.86
CA ALA A 333 0.41 25.93 8.50
C ALA A 333 1.18 25.47 9.74
N ALA A 334 2.51 25.45 9.65
CA ALA A 334 3.33 25.11 10.82
C ALA A 334 3.00 26.06 11.95
N LEU A 335 3.10 27.37 11.70
CA LEU A 335 2.84 28.38 12.74
C LEU A 335 1.45 28.24 13.34
N ILE A 336 0.44 28.11 12.48
CA ILE A 336 -0.94 27.91 12.93
C ILE A 336 -1.03 26.69 13.83
N ASN A 337 -0.38 25.60 13.41
CA ASN A 337 -0.33 24.36 14.21
C ASN A 337 0.08 24.66 15.64
N MET A 338 1.17 25.43 15.80
CA MET A 338 1.67 25.83 17.12
C MET A 338 0.67 26.70 17.85
N VAL A 339 0.06 27.67 17.14
CA VAL A 339 -0.98 28.53 17.75
C VAL A 339 -2.17 27.68 18.26
N PHE A 340 -2.59 26.70 17.45
CA PHE A 340 -3.61 25.72 17.90
C PHE A 340 -3.21 25.13 19.26
N GLN A 341 -1.98 24.66 19.40
CA GLN A 341 -1.56 23.97 20.63
C GLN A 341 -1.27 24.85 21.85
N MET A 342 -0.62 26.01 21.67
CA MET A 342 -0.20 26.88 22.81
C MET A 342 -0.83 28.27 22.87
N GLY A 343 -1.62 28.65 21.87
CA GLY A 343 -2.20 29.98 21.80
C GLY A 343 -1.18 30.99 21.30
N GLU A 344 -1.64 32.18 20.96
CA GLU A 344 -0.74 33.22 20.42
C GLU A 344 0.35 33.66 21.36
N THR A 345 0.00 33.79 22.63
CA THR A 345 0.95 34.21 23.65
C THR A 345 2.08 33.20 23.77
N GLY A 346 1.72 31.94 23.95
CA GLY A 346 2.70 30.86 24.03
C GLY A 346 3.70 30.91 22.89
N VAL A 347 3.19 31.13 21.68
CA VAL A 347 4.00 31.15 20.46
C VAL A 347 4.79 32.47 20.30
N ALA A 348 4.20 33.58 20.77
CA ALA A 348 4.83 34.89 20.74
C ALA A 348 6.06 34.94 21.62
N GLY A 349 6.11 34.05 22.62
CA GLY A 349 7.25 33.95 23.52
C GLY A 349 8.49 33.31 22.92
N PHE A 350 8.40 32.71 21.72
CA PHE A 350 9.59 32.16 21.03
C PHE A 350 10.32 33.30 20.29
N THR A 351 10.78 34.32 21.01
CA THR A 351 11.27 35.52 20.37
C THR A 351 12.41 35.26 19.40
N ASN A 352 13.41 34.47 19.81
CA ASN A 352 14.57 34.20 18.97
C ASN A 352 14.21 33.32 17.78
N SER A 353 13.44 32.25 18.02
CA SER A 353 12.98 31.37 16.93
C SER A 353 12.15 32.10 15.90
N LEU A 354 11.27 33.00 16.33
CA LEU A 354 10.44 33.82 15.40
C LEU A 354 11.28 34.72 14.49
N ARG A 355 12.30 35.34 15.06
CA ARG A 355 13.25 36.18 14.33
C ARG A 355 14.02 35.38 13.28
N MET A 356 14.48 34.21 13.68
CA MET A 356 15.19 33.31 12.77
C MET A 356 14.28 32.81 11.66
N LEU A 357 13.06 32.41 12.00
CA LEU A 357 12.10 32.05 10.97
C LEU A 357 11.91 33.22 10.02
N GLN A 358 11.69 34.42 10.55
CA GLN A 358 11.50 35.62 9.70
C GLN A 358 12.65 35.83 8.69
N GLN A 359 13.89 35.52 9.11
CA GLN A 359 15.07 35.59 8.26
C GLN A 359 15.36 34.31 7.42
N LYS A 360 14.49 33.29 7.51
CA LYS A 360 14.68 32.03 6.79
C LYS A 360 15.95 31.27 7.23
N ARG A 361 16.31 31.40 8.52
CA ARG A 361 17.42 30.72 9.13
C ARG A 361 16.78 29.51 9.79
N TRP A 362 16.37 28.58 8.95
CA TRP A 362 15.51 27.43 9.35
C TRP A 362 16.15 26.50 10.38
N ASP A 363 17.38 26.07 10.09
CA ASP A 363 18.13 25.17 10.99
C ASP A 363 18.32 25.77 12.37
N GLU A 364 18.65 27.06 12.40
CA GLU A 364 18.87 27.76 13.67
C GLU A 364 17.57 27.96 14.44
N ALA A 365 16.50 28.22 13.70
CA ALA A 365 15.13 28.26 14.26
C ALA A 365 14.86 26.91 14.91
N ALA A 366 15.10 25.83 14.17
CA ALA A 366 14.92 24.43 14.65
C ALA A 366 15.75 24.09 15.88
N VAL A 367 16.97 24.63 15.94
CA VAL A 367 17.84 24.38 17.11
C VAL A 367 17.17 24.95 18.34
N ASN A 368 16.67 26.19 18.22
CA ASN A 368 16.00 26.89 19.33
C ASN A 368 14.65 26.27 19.71
N LEU A 369 13.83 25.97 18.71
CA LEU A 369 12.52 25.37 18.95
C LEU A 369 12.63 24.00 19.64
N ALA A 370 13.66 23.22 19.29
CA ALA A 370 13.91 21.92 19.92
C ALA A 370 14.28 22.03 21.44
N LYS A 371 14.70 23.23 21.89
CA LYS A 371 15.05 23.50 23.32
C LYS A 371 13.88 24.03 24.19
N SER A 372 12.64 23.74 23.80
CA SER A 372 11.46 24.24 24.50
C SER A 372 10.75 23.20 25.38
N ARG A 373 9.89 23.71 26.25
CA ARG A 373 8.97 22.90 27.04
C ARG A 373 7.96 22.21 26.09
N TRP A 374 7.66 22.88 24.98
CA TRP A 374 6.84 22.32 23.93
C TRP A 374 7.43 21.00 23.41
N TYR A 375 8.68 21.02 22.98
CA TYR A 375 9.35 19.81 22.49
C TYR A 375 9.58 18.79 23.61
N ASN A 376 9.73 19.27 24.83
CA ASN A 376 9.89 18.39 25.98
C ASN A 376 8.63 17.60 26.31
N GLN A 377 7.46 18.16 25.99
CA GLN A 377 6.17 17.59 26.37
C GLN A 377 5.53 16.80 25.23
N THR A 378 5.53 17.37 24.02
CA THR A 378 5.02 16.71 22.82
C THR A 378 6.13 16.64 21.75
N PRO A 379 7.21 15.84 22.03
CA PRO A 379 8.37 15.68 21.13
C PRO A 379 8.05 15.25 19.72
N ASN A 380 7.23 14.20 19.58
CA ASN A 380 6.86 13.68 18.26
C ASN A 380 6.21 14.74 17.41
N ARG A 381 5.14 15.35 17.94
CA ARG A 381 4.46 16.45 17.24
C ARG A 381 5.41 17.61 16.93
N ALA A 382 6.17 18.01 17.94
CA ALA A 382 7.11 19.11 17.79
C ALA A 382 8.14 18.73 16.72
N LYS A 383 8.60 17.48 16.72
CA LYS A 383 9.58 17.02 15.74
C LYS A 383 9.03 17.30 14.35
N ARG A 384 7.80 16.83 14.09
CA ARG A 384 7.14 17.01 12.78
C ARG A 384 6.91 18.46 12.38
N VAL A 385 6.55 19.34 13.32
CA VAL A 385 6.33 20.75 12.96
C VAL A 385 7.69 21.45 12.69
N ILE A 386 8.67 21.23 13.56
CA ILE A 386 9.98 21.85 13.37
C ILE A 386 10.62 21.42 12.06
N THR A 387 10.68 20.12 11.82
CA THR A 387 11.13 19.58 10.52
C THR A 387 10.39 20.24 9.36
N THR A 388 9.09 20.51 9.53
CA THR A 388 8.29 21.21 8.51
C THR A 388 8.77 22.65 8.34
N PHE A 389 9.07 23.31 9.46
CA PHE A 389 9.80 24.62 9.38
C PHE A 389 11.15 24.48 8.68
N ARG A 390 11.82 23.34 8.84
CA ARG A 390 13.12 23.13 8.14
C ARG A 390 13.04 22.96 6.63
N THR A 391 12.08 22.15 6.15
CA THR A 391 11.99 21.83 4.71
C THR A 391 10.97 22.65 3.93
N GLY A 392 9.90 23.09 4.58
CA GLY A 392 8.84 23.80 3.87
C GLY A 392 8.04 22.87 2.93
N THR A 393 7.98 21.58 3.30
CA THR A 393 7.18 20.59 2.62
C THR A 393 6.43 19.80 3.67
N TRP A 394 5.46 19.02 3.20
CA TRP A 394 4.66 18.15 4.04
C TRP A 394 5.30 16.79 4.34
N ASP A 395 6.57 16.56 3.91
CA ASP A 395 7.27 15.28 4.06
C ASP A 395 7.23 14.61 5.44
N ALA A 396 7.15 15.39 6.52
CA ALA A 396 7.05 14.83 7.89
C ALA A 396 5.69 14.16 8.17
N TYR A 397 4.67 14.49 7.36
CA TYR A 397 3.32 13.93 7.51
C TYR A 397 2.99 12.80 6.51
N LYS A 398 3.98 12.36 5.73
CA LYS A 398 3.81 11.27 4.80
C LYS A 398 3.60 9.99 5.55
N PHE A 399 2.64 9.19 5.10
CA PHE A 399 2.36 7.87 5.68
C PHE A 399 2.09 7.88 7.18
N CYS A 400 1.40 8.94 7.61
CA CYS A 400 0.91 9.06 8.97
C CYS A 400 -0.54 8.56 8.98
N LEU A 401 -1.34 9.01 8.01
CA LEU A 401 -2.74 8.63 7.94
C LEU A 401 -2.90 7.16 7.63
N LYS A 402 -3.81 6.50 8.34
CA LYS A 402 -4.14 5.06 8.09
C LYS A 402 -4.34 4.74 6.60
N GLU A 403 -5.06 5.60 5.89
CA GLU A 403 -5.31 5.41 4.47
C GLU A 403 -4.04 5.49 3.62
N HIS A 404 -3.12 6.40 3.99
CA HIS A 404 -1.84 6.51 3.28
C HIS A 404 -0.94 5.33 3.62
N LYS A 405 -0.96 4.90 4.88
CA LYS A 405 -0.26 3.66 5.26
C LYS A 405 -0.76 2.48 4.41
N ALA A 406 -2.09 2.36 4.28
CA ALA A 406 -2.70 1.28 3.44
C ALA A 406 -2.17 1.36 2.03
N LEU A 407 -2.11 2.57 1.46
CA LEU A 407 -1.53 2.73 0.10
C LEU A 407 -0.05 2.27 -0.02
N LYS A 408 0.75 2.49 1.04
CA LYS A 408 2.14 2.01 1.05
C LYS A 408 2.16 0.47 1.04
N THR A 409 1.29 -0.16 1.84
CA THR A 409 1.15 -1.63 1.85
C THR A 409 0.93 -2.17 0.46
N LEU A 410 -0.05 -1.63 -0.25
CA LEU A 410 -0.30 -2.04 -1.64
C LEU A 410 0.91 -1.78 -2.53
N GLY A 411 1.54 -0.61 -2.38
CA GLY A 411 2.77 -0.31 -3.12
C GLY A 411 3.87 -1.31 -2.85
N ILE A 412 3.89 -1.87 -1.64
CA ILE A 412 4.90 -2.86 -1.26
C ILE A 412 4.61 -4.22 -1.92
N ILE A 413 3.33 -4.55 -2.05
CA ILE A 413 2.90 -5.78 -2.72
C ILE A 413 3.32 -5.69 -4.18
N MET A 414 3.08 -4.54 -4.79
CA MET A 414 3.41 -4.32 -6.20
C MET A 414 4.89 -4.36 -6.46
N GLY A 415 5.64 -3.61 -5.67
CA GLY A 415 7.10 -3.54 -5.81
C GLY A 415 7.79 -4.86 -5.59
N THR A 416 7.33 -5.62 -4.60
CA THR A 416 7.87 -6.93 -4.29
C THR A 416 7.65 -7.89 -5.46
N PHE A 417 6.44 -7.92 -6.00
CA PHE A 417 6.12 -8.73 -7.17
C PHE A 417 7.03 -8.37 -8.34
N THR A 418 7.24 -7.07 -8.54
CA THR A 418 8.07 -6.58 -9.62
C THR A 418 9.49 -7.03 -9.47
N LEU A 419 10.06 -6.83 -8.29
CA LEU A 419 11.45 -7.20 -8.02
C LEU A 419 11.68 -8.71 -8.08
N CYS A 420 10.68 -9.49 -7.71
CA CYS A 420 10.79 -10.96 -7.73
C CYS A 420 10.71 -11.56 -9.13
N TRP A 421 9.87 -10.98 -9.99
CA TRP A 421 9.69 -11.47 -11.38
C TRP A 421 10.50 -10.74 -12.46
N LEU A 422 10.86 -9.47 -12.25
CA LEU A 422 11.55 -8.70 -13.31
C LEU A 422 12.80 -9.38 -13.85
N PRO A 423 13.71 -9.86 -12.97
CA PRO A 423 14.92 -10.53 -13.47
C PRO A 423 14.64 -11.71 -14.39
N PHE A 424 13.68 -12.55 -13.99
CA PHE A 424 13.27 -13.70 -14.77
C PHE A 424 12.82 -13.26 -16.17
N PHE A 425 11.90 -12.30 -16.22
CA PHE A 425 11.37 -11.78 -17.49
C PHE A 425 12.35 -10.98 -18.34
N ILE A 426 13.36 -10.36 -17.71
CA ILE A 426 14.43 -9.71 -18.47
C ILE A 426 15.24 -10.77 -19.21
N VAL A 427 15.49 -11.91 -18.55
CA VAL A 427 16.25 -13.01 -19.16
C VAL A 427 15.51 -13.69 -20.33
N ASN A 428 14.18 -13.72 -20.30
CA ASN A 428 13.40 -14.20 -21.46
C ASN A 428 13.71 -13.40 -22.70
N ILE A 429 13.75 -12.09 -22.56
CA ILE A 429 14.01 -11.18 -23.67
C ILE A 429 15.47 -11.22 -24.07
N VAL A 430 16.39 -11.20 -23.09
CA VAL A 430 17.85 -11.32 -23.36
C VAL A 430 18.16 -12.57 -24.18
N HIS A 431 17.47 -13.67 -23.88
CA HIS A 431 17.63 -14.93 -24.66
C HIS A 431 17.00 -14.92 -26.05
N VAL A 432 16.11 -13.97 -26.32
CA VAL A 432 15.57 -13.75 -27.66
C VAL A 432 16.64 -12.99 -28.48
N ILE A 433 17.40 -12.11 -27.81
CA ILE A 433 18.49 -11.37 -28.43
C ILE A 433 19.66 -12.32 -28.69
N GLN A 434 20.19 -12.91 -27.62
CA GLN A 434 21.26 -13.88 -27.67
C GLN A 434 20.95 -14.99 -26.67
N ASP A 435 20.65 -16.19 -27.16
CA ASP A 435 20.28 -17.32 -26.32
C ASP A 435 21.51 -17.93 -25.66
N ASN A 436 21.31 -18.58 -24.51
CA ASN A 436 22.37 -19.28 -23.73
C ASN A 436 23.44 -18.38 -23.05
N LEU A 437 23.20 -17.07 -23.02
CA LEU A 437 24.13 -16.12 -22.37
C LEU A 437 24.21 -16.29 -20.83
N ILE A 438 23.11 -16.74 -20.25
CA ILE A 438 22.91 -16.92 -18.82
C ILE A 438 22.61 -18.39 -18.64
N ARG A 439 23.35 -19.02 -17.73
CA ARG A 439 23.25 -20.45 -17.44
C ARG A 439 21.82 -20.89 -17.10
N LYS A 440 21.52 -22.16 -17.38
CA LYS A 440 20.21 -22.74 -17.07
C LYS A 440 19.90 -22.65 -15.58
N GLU A 441 20.90 -22.92 -14.74
CA GLU A 441 20.76 -22.88 -13.27
C GLU A 441 20.47 -21.50 -12.74
N VAL A 442 20.97 -20.46 -13.41
CA VAL A 442 20.68 -19.08 -13.02
C VAL A 442 19.23 -18.78 -13.38
N TYR A 443 18.85 -19.11 -14.62
CA TYR A 443 17.46 -18.91 -15.09
C TYR A 443 16.44 -19.64 -14.21
N ILE A 444 16.75 -20.87 -13.81
CA ILE A 444 15.88 -21.63 -12.90
C ILE A 444 15.78 -20.93 -11.56
N LEU A 445 16.92 -20.48 -11.00
CA LEU A 445 16.94 -19.77 -9.73
C LEU A 445 16.12 -18.49 -9.79
N LEU A 446 16.22 -17.74 -10.89
CA LEU A 446 15.39 -16.53 -11.06
C LEU A 446 13.89 -16.84 -11.13
N ASN A 447 13.53 -18.03 -11.60
CA ASN A 447 12.14 -18.48 -11.62
C ASN A 447 11.66 -18.77 -10.21
N TRP A 448 12.52 -19.40 -9.41
CA TRP A 448 12.18 -19.71 -8.00
C TRP A 448 12.06 -18.49 -7.10
N ILE A 449 12.73 -17.40 -7.48
CA ILE A 449 12.57 -16.11 -6.79
C ILE A 449 11.15 -15.60 -7.11
N GLY A 450 10.73 -15.82 -8.35
CA GLY A 450 9.36 -15.55 -8.77
C GLY A 450 8.40 -16.40 -7.96
N TYR A 451 8.58 -17.73 -7.99
CA TYR A 451 7.69 -18.66 -7.22
C TYR A 451 7.52 -18.27 -5.76
N VAL A 452 8.65 -18.10 -5.08
CA VAL A 452 8.73 -17.72 -3.67
C VAL A 452 7.91 -16.47 -3.32
N ASN A 453 7.84 -15.52 -4.25
CA ASN A 453 7.02 -14.31 -4.07
C ASN A 453 5.58 -14.60 -3.64
N SER A 454 5.05 -15.75 -4.08
CA SER A 454 3.72 -16.23 -3.67
C SER A 454 3.55 -16.42 -2.15
N GLY A 455 4.65 -16.43 -1.39
CA GLY A 455 4.61 -16.52 0.05
C GLY A 455 4.71 -15.21 0.81
N PHE A 456 4.99 -14.09 0.14
CA PHE A 456 5.26 -12.82 0.85
C PHE A 456 4.09 -11.94 1.17
N ASN A 457 3.11 -11.84 0.28
CA ASN A 457 1.96 -10.96 0.50
C ASN A 457 1.25 -11.15 1.83
N PRO A 458 1.01 -12.43 2.26
CA PRO A 458 0.44 -12.64 3.59
C PRO A 458 1.23 -11.96 4.71
N LEU A 459 2.57 -12.01 4.63
CA LEU A 459 3.43 -11.30 5.61
C LEU A 459 3.34 -9.79 5.46
N ILE A 460 3.27 -9.30 4.22
CA ILE A 460 3.17 -7.87 3.95
C ILE A 460 1.83 -7.31 4.49
N TYR A 461 0.77 -8.13 4.50
CA TYR A 461 -0.54 -7.69 5.04
C TYR A 461 -0.56 -7.55 6.56
N CYS A 462 0.44 -8.08 7.26
CA CYS A 462 0.56 -7.85 8.71
C CYS A 462 0.85 -6.36 9.06
N ARG A 463 1.22 -5.55 8.05
CA ARG A 463 1.30 -4.10 8.20
C ARG A 463 -0.06 -3.47 8.54
N SER A 464 -1.14 -4.11 8.09
CA SER A 464 -2.49 -3.64 8.36
C SER A 464 -2.90 -4.03 9.77
N PRO A 465 -3.47 -3.08 10.55
CA PRO A 465 -3.95 -3.47 11.88
C PRO A 465 -5.20 -4.39 11.81
N ASP A 466 -5.98 -4.26 10.74
CA ASP A 466 -7.17 -5.10 10.53
C ASP A 466 -6.83 -6.55 10.22
N PHE A 467 -5.86 -6.79 9.34
CA PHE A 467 -5.43 -8.18 9.02
C PHE A 467 -4.73 -8.81 10.20
N ARG A 468 -3.88 -8.03 10.85
CA ARG A 468 -3.16 -8.47 12.03
C ARG A 468 -4.14 -8.94 13.12
N ILE A 469 -5.22 -8.15 13.33
CA ILE A 469 -6.32 -8.51 14.24
C ILE A 469 -7.08 -9.73 13.74
N ALA A 470 -7.37 -9.74 12.43
CA ALA A 470 -8.04 -10.87 11.79
C ALA A 470 -7.24 -12.17 12.00
N PHE A 471 -5.97 -12.16 11.63
CA PHE A 471 -5.09 -13.34 11.75
C PHE A 471 -5.00 -13.90 13.15
N GLN A 472 -4.64 -13.07 14.11
CA GLN A 472 -4.50 -13.50 15.51
C GLN A 472 -5.80 -14.09 16.12
N GLU A 473 -6.96 -13.66 15.61
CA GLU A 473 -8.23 -14.28 15.97
C GLU A 473 -8.27 -15.69 15.39
N LEU A 474 -7.96 -15.80 14.10
CA LEU A 474 -7.98 -17.08 13.37
C LEU A 474 -6.96 -18.09 13.91
N LEU A 475 -5.83 -17.60 14.44
CA LEU A 475 -4.79 -18.46 15.04
C LEU A 475 -4.95 -18.61 16.57
N CYS A 476 -6.18 -18.36 17.07
CA CYS A 476 -6.56 -18.56 18.48
C CYS A 476 -5.66 -17.83 19.48
N LEU A 477 -5.56 -16.51 19.30
CA LEU A 477 -4.76 -15.64 20.16
C LEU A 477 -5.64 -14.56 20.79
C1 GLC B . -4.73 21.31 22.78
C2 GLC B . -5.34 22.48 23.56
C3 GLC B . -6.48 23.20 22.84
C4 GLC B . -6.22 23.41 21.32
C5 GLC B . -5.68 22.09 20.73
C6 GLC B . -5.33 22.11 19.23
O1 GLC B . -3.49 20.94 23.38
O2 GLC B . -5.88 21.97 24.80
O3 GLC B . -6.56 24.43 23.58
O4 GLC B . -7.37 23.96 20.58
O5 GLC B . -4.48 21.71 21.43
O6 GLC B . -4.16 21.32 18.92
C1 GLC B . -7.94 25.22 21.09
C2 GLC B . -9.15 25.94 20.48
C3 GLC B . -9.06 26.08 18.99
C4 GLC B . -8.12 27.29 18.93
C5 GLC B . -6.82 26.94 19.68
C6 GLC B . -5.95 28.21 19.81
O2 GLC B . -10.49 25.48 20.97
O3 GLC B . -10.32 26.34 18.39
O4 GLC B . -7.84 27.69 17.57
O5 GLC B . -6.97 26.28 20.99
O6 GLC B . -5.19 28.28 21.03
S SO4 C . -12.87 -0.16 -1.04
O1 SO4 C . -14.12 -0.92 -1.11
O2 SO4 C . -12.63 0.23 0.35
O3 SO4 C . -11.73 -0.99 -1.48
O4 SO4 C . -13.05 0.99 -1.91
S SO4 D . 4.36 3.13 7.41
O1 SO4 D . 4.09 3.27 8.84
O2 SO4 D . 4.96 4.33 6.84
O3 SO4 D . 5.31 2.07 7.23
O4 SO4 D . 3.09 2.91 6.75
S SO4 E . 13.48 31.23 21.73
O1 SO4 E . 13.04 30.55 20.51
O2 SO4 E . 12.86 30.64 22.92
O3 SO4 E . 14.93 31.07 21.84
O4 SO4 E . 13.10 32.65 21.66
S SO4 F . 3.74 13.42 21.31
O1 SO4 F . 3.41 14.45 20.33
O2 SO4 F . 3.36 12.10 20.80
O3 SO4 F . 5.19 13.38 21.53
O4 SO4 F . 3.07 13.71 22.57
S SO4 G . 13.20 26.34 1.42
O1 SO4 G . 11.88 25.74 1.24
O2 SO4 G . 13.96 25.61 2.45
O3 SO4 G . 13.94 26.23 0.16
O4 SO4 G . 13.06 27.75 1.78
S SO4 H . -14.14 9.63 19.24
O1 SO4 H . -14.13 9.91 17.80
O2 SO4 H . -14.98 8.46 19.52
O3 SO4 H . -12.78 9.38 19.70
O4 SO4 H . -14.69 10.79 19.97
O17 CAU I . 7.11 -19.37 -13.63
C16 CAU I . 7.36 -19.10 -15.00
C18 CAU I . 7.27 -20.38 -15.84
N19 CAU I . 7.93 -21.51 -15.20
C20 CAU I . 8.55 -22.57 -15.98
C21 CAU I . 7.50 -23.19 -16.90
C22 CAU I . 9.18 -23.60 -15.04
C15 CAU I . 6.35 -18.09 -15.50
O14 CAU I . 6.57 -17.86 -16.88
C13 CAU I . 5.82 -17.01 -17.64
C12 CAU I . 4.70 -16.37 -17.12
C11 CAU I . 3.94 -15.51 -17.89
C10 CAU I . 4.26 -15.26 -19.21
C8 CAU I . 5.36 -15.87 -19.78
C9 CAU I . 6.15 -16.76 -18.96
N7 CAU I . 5.92 -15.82 -21.04
C3 CAU I . 7.04 -16.65 -21.06
C4 CAU I . 7.17 -17.23 -19.74
C2 CAU I . 7.96 -16.98 -22.01
C1 CAU I . 8.99 -17.86 -21.71
C6 CAU I . 9.11 -18.43 -20.43
C5 CAU I . 8.19 -18.11 -19.44
C1 BU1 J . 1.86 9.53 1.83
C2 BU1 J . 2.18 10.43 0.66
C3 BU1 J . 2.84 9.62 -0.45
C4 BU1 J . 4.17 10.20 -0.88
O5 BU1 J . 1.12 10.22 2.83
O6 BU1 J . 4.74 9.39 -1.89
C1 BU1 K . 7.93 -0.38 -7.62
C2 BU1 K . 6.49 -0.57 -8.11
C3 BU1 K . 5.47 0.07 -7.15
C4 BU1 K . 4.66 1.20 -7.77
O5 BU1 K . 8.91 -0.82 -8.59
O6 BU1 K . 5.27 2.47 -7.51
C1 ACM L . 4.01 8.89 10.91
O ACM L . 4.01 8.08 11.81
N ACM L . 4.69 8.64 9.78
C2 ACM L . 3.27 10.20 11.00
C1 CLR M . -12.01 -14.72 -6.14
C2 CLR M . -12.95 -14.01 -5.17
C3 CLR M . -13.92 -13.09 -5.91
C4 CLR M . -14.66 -13.75 -7.10
C5 CLR M . -13.82 -14.73 -7.90
C6 CLR M . -14.06 -14.87 -9.23
C7 CLR M . -13.30 -15.83 -10.15
C8 CLR M . -12.51 -16.86 -9.38
C9 CLR M . -11.76 -16.15 -8.24
C10 CLR M . -12.74 -15.55 -7.20
C11 CLR M . -10.66 -17.01 -7.57
C12 CLR M . -9.83 -17.87 -8.53
C13 CLR M . -10.69 -18.64 -9.50
C14 CLR M . -11.54 -17.63 -10.27
C15 CLR M . -12.13 -18.44 -11.41
C16 CLR M . -11.05 -19.49 -11.73
C17 CLR M . -9.99 -19.42 -10.62
C18 CLR M . -11.56 -19.60 -8.72
C19 CLR M . -13.56 -16.61 -6.52
C20 CLR M . -9.38 -20.82 -10.31
C21 CLR M . -8.44 -20.81 -9.10
C22 CLR M . -8.70 -21.38 -11.56
C23 CLR M . -7.62 -22.44 -11.30
C24 CLR M . -7.02 -22.92 -12.63
C25 CLR M . -7.15 -24.42 -12.91
C26 CLR M . -7.33 -24.67 -14.40
C27 CLR M . -5.93 -25.19 -12.41
O1 CLR M . -14.86 -12.57 -4.92
C1 CLR N . -6.50 -21.21 9.25
C2 CLR N . -7.33 -20.35 10.20
C3 CLR N . -8.50 -21.17 10.75
C4 CLR N . -8.00 -22.38 11.57
C5 CLR N . -7.25 -23.24 10.57
C6 CLR N . -7.63 -24.53 10.43
C7 CLR N . -6.98 -25.50 9.48
C8 CLR N . -5.64 -24.99 8.96
C9 CLR N . -5.69 -23.50 8.60
C10 CLR N . -6.11 -22.60 9.79
C11 CLR N . -4.37 -23.04 7.94
C12 CLR N . -3.95 -23.92 6.76
C13 CLR N . -3.88 -25.39 7.15
C14 CLR N . -5.24 -25.77 7.70
C15 CLR N . -5.19 -27.28 7.81
C16 CLR N . -4.39 -27.66 6.57
C17 CLR N . -3.72 -26.38 6.02
C18 CLR N . -2.77 -25.64 8.20
C19 CLR N . -4.98 -22.44 10.80
C20 CLR N . -2.29 -26.66 5.46
C21 CLR N . -1.38 -25.44 5.28
C22 CLR N . -2.39 -27.38 4.12
C23 CLR N . -1.36 -28.50 3.96
C24 CLR N . -1.68 -29.34 2.72
C25 CLR N . -0.47 -29.57 1.85
C26 CLR N . -0.68 -30.78 0.95
C27 CLR N . -0.14 -28.32 1.03
O1 CLR N . -9.49 -20.47 11.51
C1 CLR O . -12.29 -18.11 -1.92
C2 CLR O . -13.27 -17.27 -1.11
C3 CLR O . -14.31 -16.63 -2.05
C4 CLR O . -15.05 -17.68 -2.91
C5 CLR O . -14.07 -18.64 -3.57
C6 CLR O . -14.26 -18.96 -4.87
C7 CLR O . -13.36 -19.89 -5.65
C8 CLR O . -12.47 -20.74 -4.76
C9 CLR O . -11.84 -19.89 -3.65
C10 CLR O . -12.92 -19.22 -2.76
C11 CLR O . -10.79 -20.68 -2.84
C12 CLR O . -9.77 -21.37 -3.73
C13 CLR O . -10.43 -22.28 -4.76
C14 CLR O . -11.38 -21.43 -5.59
C15 CLR O . -11.82 -22.40 -6.69
C16 CLR O . -10.58 -23.25 -6.96
C17 CLR O . -9.55 -22.91 -5.85
C18 CLR O . -11.17 -23.40 -4.01
C19 CLR O . -13.59 -20.23 -1.81
C20 CLR O . -8.59 -24.08 -5.45
C21 CLR O . -7.48 -23.57 -4.53
C22 CLR O . -7.94 -24.79 -6.64
C23 CLR O . -7.13 -26.04 -6.27
C24 CLR O . -6.00 -26.30 -7.29
C25 CLR O . -6.51 -26.77 -8.65
C26 CLR O . -6.99 -25.61 -9.51
C27 CLR O . -5.43 -27.53 -9.40
O1 CLR O . -15.24 -15.80 -1.32
C1 PLM P . -6.93 -21.90 16.45
O2 PLM P . -7.78 -21.28 15.77
C2 PLM P . -5.93 -22.79 15.76
C3 PLM P . -6.28 -24.28 15.94
C4 PLM P . -6.50 -25.03 14.63
C5 PLM P . -5.81 -26.40 14.62
C6 PLM P . -6.41 -27.29 13.54
C7 PLM P . -5.60 -28.57 13.35
C8 PLM P . -5.21 -28.75 11.88
C9 PLM P . -4.53 -30.10 11.65
CA PLM P . -3.41 -30.00 10.59
CB PLM P . -3.19 -31.30 9.79
CC PLM P . -3.36 -31.17 8.27
CD PLM P . -2.09 -31.50 7.48
CE PLM P . -2.38 -31.88 6.02
CF PLM P . -1.11 -32.35 5.32
CG PLM P . -1.41 -32.89 3.92
C35 12P Q . -5.72 26.67 -0.88
O34 12P Q . -4.78 26.19 0.10
C33 12P Q . -3.49 26.80 -0.01
C32 12P Q . -3.31 27.86 1.07
O31 12P Q . -3.00 29.16 0.53
C30 12P Q . -3.14 30.26 1.46
C29 12P Q . -2.15 30.16 2.66
O28 12P Q . -2.64 29.17 3.57
C27 12P Q . -2.18 29.18 4.92
C26 12P Q . -3.35 28.74 5.78
O25 12P Q . -4.49 29.58 5.45
C24 12P Q . -5.72 28.85 5.24
C23 12P Q . -6.75 29.77 4.59
O22 12P Q . -6.95 30.94 5.40
C21 12P Q . -7.78 30.75 6.55
C20 12P Q . -8.99 31.64 6.39
O19 12P Q . -8.65 32.99 6.06
C18 12P Q . -8.03 33.73 7.13
C17 12P Q . -8.22 35.25 7.00
O16 12P Q . -8.64 35.61 5.68
C15 12P Q . -7.60 36.15 4.86
#